data_5TLF
#
_entry.id   5TLF
#
_cell.length_a   54.655
_cell.length_b   81.567
_cell.length_c   58.651
_cell.angle_alpha   90.000
_cell.angle_beta   109.960
_cell.angle_gamma   90.000
#
_symmetry.space_group_name_H-M   'P 1 21 1'
#
loop_
_entity.id
_entity.type
_entity.pdbx_description
1 polymer 'Estrogen receptor'
2 polymer 'NUCLEAR RECEPTOR COACTIVATOR 2'
3 non-polymer 4-[2-(3-methylbut-2-en-1-yl)-7-(trifluoromethyl)-2H-indazol-3-yl]benzene-1,3-diol
4 water water
#
loop_
_entity_poly.entity_id
_entity_poly.type
_entity_poly.pdbx_seq_one_letter_code
_entity_poly.pdbx_strand_id
1 'polypeptide(L)'
;IKRSKKNSLALSLTADQMVSALLDAEPPILYSEYDPTRPFSEASMMGLLTNLADRELVHMINWAKRVPGFVDLTLHDQVH
LLECAWLEILMIGLVWRSMEHPGKLLFAPNLLLDRNQGKCVEGMVEIFDMLLATSSRFRMMNLQGEEFVCLKSIILLNSG
VYTFLSSTLKSLEEKDHIHRVLDKITDTLIHLMAKAGLTLQQQHQRLAQLLLILSHIRHMSNKGMEHLYSMKCKNVVPLS
DLLLEMLDAHRLHAPTS
;
A,B
2 'polypeptide(L)' KHKILHRLLQDSS C,D
#
loop_
_chem_comp.id
_chem_comp.type
_chem_comp.name
_chem_comp.formula
7EF non-polymer 4-[2-(3-methylbut-2-en-1-yl)-7-(trifluoromethyl)-2H-indazol-3-yl]benzene-1,3-diol 'C19 H17 F3 N2 O2'
#
# COMPACT_ATOMS: atom_id res chain seq x y z
N ASN A 7 0.17 29.70 8.49
CA ASN A 7 0.94 29.41 7.28
C ASN A 7 2.24 28.67 7.58
N SER A 8 2.41 27.51 6.95
CA SER A 8 3.55 26.64 7.21
C SER A 8 4.79 27.03 6.40
N LEU A 9 5.95 26.98 7.05
CA LEU A 9 7.24 27.25 6.43
C LEU A 9 7.53 26.27 5.29
N ALA A 10 7.02 25.06 5.43
CA ALA A 10 7.27 23.98 4.48
C ALA A 10 6.87 24.37 3.06
N LEU A 11 5.72 25.01 2.94
CA LEU A 11 5.18 25.38 1.64
C LEU A 11 5.95 26.53 1.00
N SER A 12 6.71 27.27 1.80
CA SER A 12 7.49 28.40 1.29
C SER A 12 8.90 27.99 0.90
N LEU A 13 9.25 26.73 1.14
CA LEU A 13 10.57 26.21 0.77
C LEU A 13 10.66 25.93 -0.72
N THR A 14 11.83 26.17 -1.29
CA THR A 14 12.09 25.78 -2.68
C THR A 14 12.39 24.29 -2.74
N ALA A 15 12.45 23.76 -3.95
CA ALA A 15 12.70 22.33 -4.15
C ALA A 15 14.04 21.90 -3.56
N ASP A 16 15.09 22.66 -3.82
CA ASP A 16 16.42 22.33 -3.32
C ASP A 16 16.51 22.49 -1.81
N GLN A 17 15.76 23.44 -1.27
CA GLN A 17 15.69 23.63 0.18
C GLN A 17 15.01 22.44 0.83
N MET A 18 13.99 21.91 0.17
CA MET A 18 13.26 20.74 0.67
C MET A 18 14.19 19.53 0.67
N VAL A 19 14.96 19.36 -0.40
CA VAL A 19 15.92 18.27 -0.49
C VAL A 19 16.99 18.37 0.60
N SER A 20 17.57 19.55 0.77
CA SER A 20 18.64 19.73 1.75
C SER A 20 18.11 19.55 3.18
N ALA A 21 16.87 19.96 3.42
CA ALA A 21 16.26 19.79 4.74
C ALA A 21 16.11 18.31 5.08
N LEU A 22 15.66 17.51 4.12
CA LEU A 22 15.45 16.08 4.33
C LEU A 22 16.78 15.33 4.43
N LEU A 23 17.74 15.69 3.59
CA LEU A 23 19.05 15.04 3.61
C LEU A 23 19.74 15.22 4.96
N ASP A 24 19.70 16.44 5.47
CA ASP A 24 20.37 16.77 6.73
C ASP A 24 19.63 16.20 7.93
N ALA A 25 18.35 15.88 7.74
CA ALA A 25 17.53 15.33 8.82
C ALA A 25 17.68 13.81 8.91
N GLU A 26 18.42 13.24 7.97
CA GLU A 26 18.60 11.79 7.90
C GLU A 26 19.18 11.21 9.18
N PRO A 27 18.52 10.19 9.73
CA PRO A 27 19.06 9.49 10.91
C PRO A 27 20.32 8.72 10.53
N PRO A 28 21.20 8.45 11.52
CA PRO A 28 22.41 7.67 11.23
C PRO A 28 22.13 6.19 11.04
N ILE A 29 23.07 5.47 10.46
CA ILE A 29 22.96 4.01 10.36
C ILE A 29 23.53 3.37 11.62
N LEU A 30 22.65 2.76 12.42
CA LEU A 30 23.03 2.20 13.70
C LEU A 30 23.63 0.81 13.57
N TYR A 31 24.43 0.42 14.57
CA TYR A 31 25.01 -0.90 14.62
C TYR A 31 24.24 -1.79 15.58
N SER A 32 24.31 -3.11 15.35
CA SER A 32 23.82 -4.06 16.34
C SER A 32 24.98 -4.44 17.24
N GLU A 33 24.73 -5.29 18.23
CA GLU A 33 25.76 -5.73 19.15
C GLU A 33 26.89 -6.44 18.40
N TYR A 34 28.13 -6.13 18.77
CA TYR A 34 29.30 -6.71 18.13
C TYR A 34 29.47 -8.17 18.55
N ASP A 35 29.11 -9.08 17.65
CA ASP A 35 29.29 -10.50 17.91
C ASP A 35 29.14 -11.30 16.62
N PRO A 36 30.19 -12.06 16.27
CA PRO A 36 30.23 -12.89 15.05
C PRO A 36 29.19 -14.00 15.05
N THR A 37 28.59 -14.28 16.20
CA THR A 37 27.55 -15.30 16.30
C THR A 37 26.35 -14.92 15.42
N ARG A 38 26.32 -15.47 14.22
CA ARG A 38 25.22 -15.26 13.30
C ARG A 38 23.93 -15.83 13.87
N PRO A 39 22.88 -15.01 13.95
CA PRO A 39 21.61 -15.43 14.54
C PRO A 39 20.88 -16.49 13.72
N PHE A 40 20.54 -17.60 14.36
CA PHE A 40 19.73 -18.63 13.72
C PHE A 40 18.50 -18.96 14.55
N SER A 41 18.65 -18.96 15.86
CA SER A 41 17.49 -19.12 16.73
C SER A 41 16.54 -17.95 16.56
N GLU A 42 15.25 -18.17 16.81
CA GLU A 42 14.27 -17.12 16.78
C GLU A 42 14.58 -16.07 17.83
N ALA A 43 15.00 -16.52 19.00
CA ALA A 43 15.30 -15.65 20.13
C ALA A 43 16.42 -14.67 19.81
N SER A 44 17.53 -15.18 19.29
CA SER A 44 18.71 -14.35 19.04
C SER A 44 18.48 -13.38 17.88
N MET A 45 17.78 -13.82 16.85
CA MET A 45 17.52 -12.96 15.70
C MET A 45 16.57 -11.83 16.07
N MET A 46 15.45 -12.19 16.68
CA MET A 46 14.46 -11.21 17.11
C MET A 46 15.03 -10.34 18.23
N GLY A 47 15.93 -10.90 19.02
CA GLY A 47 16.64 -10.13 20.04
C GLY A 47 17.45 -9.01 19.41
N LEU A 48 18.18 -9.34 18.35
CA LEU A 48 18.99 -8.35 17.65
C LEU A 48 18.11 -7.34 16.91
N LEU A 49 16.99 -7.81 16.38
CA LEU A 49 16.10 -6.96 15.61
C LEU A 49 15.32 -5.98 16.49
N THR A 50 14.88 -6.42 17.67
CA THR A 50 14.12 -5.55 18.55
C THR A 50 15.02 -4.49 19.16
N ASN A 51 16.22 -4.88 19.57
CA ASN A 51 17.19 -3.94 20.12
C ASN A 51 17.49 -2.84 19.11
N LEU A 52 17.73 -3.25 17.87
CA LEU A 52 18.01 -2.31 16.79
C LEU A 52 16.80 -1.41 16.53
N ALA A 53 15.64 -2.02 16.35
CA ALA A 53 14.41 -1.27 16.08
C ALA A 53 14.13 -0.26 17.18
N ASP A 54 14.39 -0.65 18.42
CA ASP A 54 14.12 0.22 19.56
C ASP A 54 14.96 1.49 19.53
N ARG A 55 16.23 1.35 19.19
CA ARG A 55 17.13 2.50 19.13
C ARG A 55 16.83 3.36 17.89
N GLU A 56 16.49 2.70 16.79
CA GLU A 56 16.13 3.41 15.56
C GLU A 56 14.88 4.26 15.75
N LEU A 57 13.96 3.80 16.60
CA LEU A 57 12.72 4.51 16.86
C LEU A 57 12.94 5.89 17.46
N VAL A 58 13.93 5.98 18.35
CA VAL A 58 14.25 7.25 18.98
C VAL A 58 14.78 8.25 17.94
N HIS A 59 15.61 7.76 17.02
CA HIS A 59 16.10 8.60 15.93
C HIS A 59 14.98 8.98 14.96
N MET A 60 14.07 8.04 14.69
CA MET A 60 12.96 8.29 13.78
C MET A 60 12.09 9.44 14.30
N ILE A 61 11.80 9.41 15.60
CA ILE A 61 10.97 10.42 16.23
C ILE A 61 11.57 11.82 16.08
N ASN A 62 12.86 11.94 16.35
CA ASN A 62 13.53 13.22 16.18
C ASN A 62 13.74 13.57 14.70
N TRP A 63 13.77 12.56 13.84
CA TRP A 63 13.81 12.77 12.40
C TRP A 63 12.48 13.35 11.89
N ALA A 64 11.37 12.78 12.38
CA ALA A 64 10.04 13.19 11.92
C ALA A 64 9.78 14.65 12.22
N LYS A 65 10.23 15.11 13.38
CA LYS A 65 10.08 16.50 13.79
C LYS A 65 10.80 17.47 12.86
N ARG A 66 11.78 16.96 12.12
CA ARG A 66 12.54 17.78 11.19
C ARG A 66 12.03 17.69 9.75
N VAL A 67 11.03 16.84 9.53
CA VAL A 67 10.34 16.79 8.25
C VAL A 67 9.45 18.03 8.10
N PRO A 68 9.68 18.83 7.06
CA PRO A 68 8.93 20.08 6.89
C PRO A 68 7.41 19.85 6.88
N GLY A 69 6.69 20.60 7.73
CA GLY A 69 5.26 20.49 7.79
C GLY A 69 4.75 19.63 8.93
N PHE A 70 5.61 18.72 9.40
CA PHE A 70 5.26 17.80 10.48
C PHE A 70 5.09 18.52 11.81
N VAL A 71 5.91 19.54 12.04
CA VAL A 71 5.88 20.30 13.29
C VAL A 71 4.62 21.17 13.38
N ASP A 72 4.02 21.48 12.24
CA ASP A 72 2.82 22.33 12.21
C ASP A 72 1.59 21.54 12.61
N LEU A 73 1.71 20.21 12.61
CA LEU A 73 0.64 19.33 13.03
C LEU A 73 0.45 19.39 14.54
N THR A 74 -0.74 19.13 15.01
CA THR A 74 -0.95 18.97 16.42
C THR A 74 -0.20 17.72 16.93
N LEU A 75 0.04 17.70 18.21
CA LEU A 75 0.84 16.69 18.82
C LEU A 75 0.16 15.36 18.58
N HIS A 76 -1.14 15.34 18.67
CA HIS A 76 -1.89 14.14 18.46
C HIS A 76 -1.80 13.57 17.07
N ASP A 77 -1.86 14.45 16.08
CA ASP A 77 -1.69 14.09 14.68
C ASP A 77 -0.29 13.56 14.43
N GLN A 78 0.71 14.16 15.06
CA GLN A 78 2.08 13.67 14.95
C GLN A 78 2.16 12.26 15.51
N VAL A 79 1.53 12.03 16.65
CA VAL A 79 1.49 10.72 17.27
C VAL A 79 0.84 9.69 16.36
N HIS A 80 -0.31 10.05 15.80
CA HIS A 80 -1.07 9.15 14.95
C HIS A 80 -0.27 8.75 13.70
N LEU A 81 0.38 9.72 13.07
CA LEU A 81 1.15 9.43 11.86
C LEU A 81 2.33 8.52 12.14
N LEU A 82 3.01 8.72 13.27
CA LEU A 82 4.14 7.88 13.64
C LEU A 82 3.68 6.47 14.02
N GLU A 83 2.59 6.37 14.78
CA GLU A 83 2.04 5.07 15.14
C GLU A 83 1.68 4.26 13.89
N CYS A 84 1.14 4.94 12.88
CA CYS A 84 0.74 4.28 11.64
C CYS A 84 1.93 3.89 10.75
N ALA A 85 2.93 4.76 10.68
CA ALA A 85 3.98 4.64 9.68
C ALA A 85 5.30 4.01 10.14
N TRP A 86 5.51 3.86 11.44
CA TRP A 86 6.84 3.53 11.95
C TRP A 86 7.46 2.28 11.32
N LEU A 87 6.68 1.22 11.15
CA LEU A 87 7.25 -0.02 10.61
C LEU A 87 7.55 0.12 9.12
N GLU A 88 6.69 0.84 8.39
CA GLU A 88 6.98 1.16 6.99
C GLU A 88 8.29 1.92 6.87
N ILE A 89 8.48 2.89 7.77
CA ILE A 89 9.67 3.72 7.75
C ILE A 89 10.92 2.90 8.07
N LEU A 90 10.80 1.97 9.01
CA LEU A 90 11.91 1.07 9.33
C LEU A 90 12.26 0.19 8.15
N MET A 91 11.24 -0.37 7.51
CA MET A 91 11.43 -1.32 6.42
C MET A 91 12.02 -0.69 5.16
N ILE A 92 11.50 0.47 4.74
CA ILE A 92 12.03 1.13 3.55
C ILE A 92 13.47 1.60 3.81
N GLY A 93 13.79 1.86 5.06
CA GLY A 93 15.17 2.16 5.44
C GLY A 93 16.04 0.93 5.25
N LEU A 94 15.55 -0.21 5.73
CA LEU A 94 16.25 -1.49 5.59
C LEU A 94 16.47 -1.83 4.11
N VAL A 95 15.44 -1.59 3.31
CA VAL A 95 15.49 -1.91 1.89
C VAL A 95 16.51 -1.00 1.19
N TRP A 96 16.48 0.27 1.53
CA TRP A 96 17.46 1.22 1.02
C TRP A 96 18.90 0.84 1.38
N ARG A 97 19.14 0.50 2.64
CA ARG A 97 20.48 0.12 3.11
C ARG A 97 20.99 -1.15 2.43
N SER A 98 20.06 -1.99 1.99
CA SER A 98 20.41 -3.31 1.45
C SER A 98 20.54 -3.29 -0.07
N MET A 99 20.40 -2.11 -0.66
CA MET A 99 20.38 -1.97 -2.12
C MET A 99 21.61 -2.55 -2.80
N GLU A 100 22.77 -2.21 -2.28
CA GLU A 100 24.02 -2.61 -2.90
C GLU A 100 24.53 -3.94 -2.33
N HIS A 101 23.62 -4.69 -1.71
CA HIS A 101 23.93 -6.03 -1.23
C HIS A 101 22.86 -7.03 -1.67
N PRO A 102 22.88 -7.40 -2.96
CA PRO A 102 21.89 -8.31 -3.55
C PRO A 102 21.78 -9.64 -2.81
N GLY A 103 20.56 -10.05 -2.50
CA GLY A 103 20.34 -11.29 -1.79
C GLY A 103 20.53 -11.15 -0.29
N LYS A 104 21.01 -9.98 0.13
CA LYS A 104 21.28 -9.73 1.54
C LYS A 104 20.36 -8.65 2.10
N LEU A 105 20.12 -8.71 3.40
CA LEU A 105 19.42 -7.63 4.11
C LEU A 105 20.36 -7.02 5.16
N LEU A 106 20.72 -5.76 4.96
CA LEU A 106 21.65 -5.08 5.86
C LEU A 106 20.92 -4.38 6.99
N PHE A 107 20.55 -5.14 8.03
CA PHE A 107 19.90 -4.55 9.20
C PHE A 107 20.86 -3.56 9.85
N ALA A 108 22.13 -3.93 9.88
CA ALA A 108 23.20 -3.06 10.36
C ALA A 108 24.46 -3.42 9.59
N PRO A 109 25.44 -2.50 9.53
CA PRO A 109 26.68 -2.81 8.82
C PRO A 109 27.36 -4.09 9.33
N ASN A 110 27.17 -4.40 10.61
CA ASN A 110 27.72 -5.62 11.19
C ASN A 110 26.67 -6.71 11.33
N LEU A 111 25.53 -6.53 10.67
CA LEU A 111 24.46 -7.52 10.71
C LEU A 111 23.81 -7.70 9.34
N LEU A 112 24.37 -8.61 8.56
CA LEU A 112 23.89 -8.92 7.22
C LEU A 112 23.16 -10.26 7.22
N LEU A 113 21.87 -10.24 6.96
CA LEU A 113 21.04 -11.44 7.01
C LEU A 113 20.58 -11.89 5.64
N ASP A 114 20.65 -13.20 5.38
CA ASP A 114 20.12 -13.75 4.13
C ASP A 114 18.81 -14.47 4.40
N ARG A 115 18.14 -14.95 3.35
CA ARG A 115 16.83 -15.56 3.51
C ARG A 115 16.93 -16.89 4.25
N ASN A 116 18.11 -17.51 4.22
CA ASN A 116 18.32 -18.77 4.93
C ASN A 116 18.17 -18.60 6.44
N GLN A 117 18.47 -17.41 6.93
CA GLN A 117 18.31 -17.09 8.35
C GLN A 117 16.86 -16.70 8.65
N GLY A 118 16.21 -16.08 7.66
CA GLY A 118 14.81 -15.73 7.78
C GLY A 118 13.93 -16.96 7.92
N LYS A 119 14.37 -18.07 7.32
CA LYS A 119 13.62 -19.32 7.40
C LYS A 119 13.64 -19.88 8.81
N CYS A 120 14.56 -19.40 9.61
CA CYS A 120 14.81 -19.98 10.91
C CYS A 120 13.97 -19.25 11.94
N VAL A 121 13.04 -18.43 11.47
CA VAL A 121 11.84 -18.18 12.19
C VAL A 121 10.57 -18.37 11.39
N GLU A 122 9.57 -18.90 12.04
CA GLU A 122 8.32 -19.18 11.40
C GLU A 122 7.67 -17.90 10.93
N GLY A 123 7.20 -17.94 9.70
CA GLY A 123 6.53 -16.89 8.95
C GLY A 123 7.35 -15.63 8.75
N MET A 124 8.66 -15.81 8.59
CA MET A 124 9.56 -14.67 8.44
C MET A 124 10.15 -14.59 7.04
N VAL A 125 10.42 -15.75 6.44
CA VAL A 125 11.09 -15.81 5.15
C VAL A 125 10.28 -15.10 4.05
N GLU A 126 8.95 -15.19 4.13
CA GLU A 126 8.08 -14.51 3.16
C GLU A 126 8.28 -13.00 3.21
N ILE A 127 8.45 -12.46 4.41
CA ILE A 127 8.66 -11.03 4.57
C ILE A 127 10.07 -10.66 4.12
N PHE A 128 11.02 -11.52 4.44
CA PHE A 128 12.39 -11.37 3.95
C PHE A 128 12.43 -11.30 2.43
N ASP A 129 11.76 -12.24 1.78
CA ASP A 129 11.72 -12.30 0.32
C ASP A 129 11.11 -11.04 -0.30
N MET A 130 10.07 -10.52 0.34
CA MET A 130 9.41 -9.29 -0.12
C MET A 130 10.35 -8.10 0.01
N LEU A 131 11.06 -8.03 1.14
CA LEU A 131 12.06 -6.99 1.35
C LEU A 131 13.16 -7.09 0.30
N LEU A 132 13.65 -8.30 0.08
CA LEU A 132 14.70 -8.53 -0.91
C LEU A 132 14.26 -8.17 -2.32
N ALA A 133 12.99 -8.45 -2.65
CA ALA A 133 12.45 -8.09 -3.95
C ALA A 133 12.36 -6.57 -4.09
N THR A 134 11.96 -5.91 -3.01
CA THR A 134 11.87 -4.45 -3.02
C THR A 134 13.27 -3.83 -3.18
N SER A 135 14.25 -4.44 -2.53
CA SER A 135 15.64 -3.98 -2.63
C SER A 135 16.16 -4.06 -4.06
N SER A 136 16.01 -5.22 -4.68
CA SER A 136 16.47 -5.40 -6.06
C SER A 136 15.70 -4.46 -6.99
N ARG A 137 14.43 -4.23 -6.68
CA ARG A 137 13.61 -3.28 -7.44
C ARG A 137 14.19 -1.87 -7.34
N PHE A 138 14.54 -1.45 -6.13
CA PHE A 138 15.22 -0.17 -5.92
C PHE A 138 16.51 -0.10 -6.71
N ARG A 139 17.24 -1.21 -6.77
CA ARG A 139 18.53 -1.25 -7.42
C ARG A 139 18.41 -1.14 -8.95
N MET A 140 17.43 -1.83 -9.52
CA MET A 140 17.23 -1.81 -10.96
C MET A 140 16.68 -0.48 -11.45
N MET A 141 16.09 0.29 -10.54
CA MET A 141 15.60 1.62 -10.86
C MET A 141 16.66 2.68 -10.63
N ASN A 142 17.77 2.26 -10.02
CA ASN A 142 18.85 3.16 -9.64
C ASN A 142 18.36 4.30 -8.74
N LEU A 143 17.56 3.95 -7.75
CA LEU A 143 17.03 4.91 -6.78
C LEU A 143 18.14 5.76 -6.15
N GLN A 144 17.94 7.08 -6.12
CA GLN A 144 18.92 7.99 -5.55
C GLN A 144 18.53 8.38 -4.12
N GLY A 145 19.53 8.78 -3.33
CA GLY A 145 19.30 9.18 -1.96
C GLY A 145 18.28 10.29 -1.81
N GLU A 146 18.35 11.27 -2.71
CA GLU A 146 17.41 12.40 -2.70
C GLU A 146 15.98 11.92 -2.93
N GLU A 147 15.85 10.90 -3.77
CA GLU A 147 14.56 10.28 -4.03
C GLU A 147 14.10 9.50 -2.80
N PHE A 148 15.03 8.78 -2.18
CA PHE A 148 14.73 7.96 -1.02
C PHE A 148 14.13 8.77 0.12
N VAL A 149 14.70 9.93 0.43
CA VAL A 149 14.24 10.72 1.56
C VAL A 149 12.87 11.35 1.30
N CYS A 150 12.58 11.65 0.03
CA CYS A 150 11.26 12.13 -0.35
C CYS A 150 10.21 11.05 -0.10
N LEU A 151 10.52 9.83 -0.53
CA LEU A 151 9.61 8.69 -0.36
C LEU A 151 9.32 8.41 1.10
N LYS A 152 10.35 8.46 1.94
CA LYS A 152 10.20 8.19 3.36
C LYS A 152 9.31 9.25 4.01
N SER A 153 9.48 10.50 3.58
CA SER A 153 8.64 11.59 4.07
C SER A 153 7.19 11.41 3.64
N ILE A 154 6.99 10.92 2.42
CA ILE A 154 5.64 10.68 1.92
C ILE A 154 4.91 9.67 2.79
N ILE A 155 5.58 8.55 3.08
CA ILE A 155 5.03 7.51 3.94
C ILE A 155 4.58 8.07 5.29
N LEU A 156 5.43 8.89 5.90
CA LEU A 156 5.14 9.49 7.21
C LEU A 156 3.85 10.29 7.20
N LEU A 157 3.65 11.10 6.16
CA LEU A 157 2.50 12.00 6.08
C LEU A 157 1.26 11.34 5.48
N ASN A 158 1.46 10.33 4.64
CA ASN A 158 0.34 9.75 3.92
C ASN A 158 -0.34 8.58 4.63
N SER A 159 0.46 7.72 5.25
CA SER A 159 -0.05 6.43 5.69
C SER A 159 -1.20 6.51 6.68
N GLY A 160 -1.20 7.53 7.53
CA GLY A 160 -2.26 7.69 8.50
C GLY A 160 -3.20 8.86 8.25
N VAL A 161 -3.14 9.44 7.05
CA VAL A 161 -3.89 10.66 6.77
C VAL A 161 -5.39 10.43 6.57
N TYR A 162 -5.77 9.21 6.16
CA TYR A 162 -7.19 8.91 5.92
C TYR A 162 -7.82 8.20 7.10
N THR A 163 -7.07 8.10 8.19
CA THR A 163 -7.59 7.56 9.43
C THR A 163 -7.76 8.69 10.44
N PHE A 164 -8.00 9.89 9.90
CA PHE A 164 -8.28 11.06 10.72
C PHE A 164 -9.78 11.31 10.85
N GLU A 173 -8.64 21.14 8.89
CA GLU A 173 -7.92 21.77 7.78
C GLU A 173 -6.43 21.44 7.85
N GLU A 174 -6.03 20.70 8.88
CA GLU A 174 -4.66 20.21 8.98
C GLU A 174 -4.48 19.05 8.02
N LYS A 175 -5.60 18.50 7.55
CA LYS A 175 -5.61 17.46 6.53
C LYS A 175 -5.25 18.06 5.18
N ASP A 176 -5.86 19.20 4.86
CA ASP A 176 -5.51 19.93 3.65
C ASP A 176 -4.05 20.36 3.70
N HIS A 177 -3.57 20.70 4.88
CA HIS A 177 -2.17 21.03 5.10
C HIS A 177 -1.26 19.87 4.70
N ILE A 178 -1.58 18.68 5.21
CA ILE A 178 -0.80 17.49 4.91
C ILE A 178 -0.77 17.23 3.41
N HIS A 179 -1.92 17.43 2.76
CA HIS A 179 -2.03 17.17 1.32
C HIS A 179 -1.35 18.26 0.50
N ARG A 180 -1.28 19.48 1.02
CA ARG A 180 -0.49 20.52 0.38
C ARG A 180 1.00 20.20 0.52
N VAL A 181 1.40 19.71 1.69
CA VAL A 181 2.79 19.31 1.89
C VAL A 181 3.13 18.10 1.03
N LEU A 182 2.17 17.18 0.91
CA LEU A 182 2.34 16.02 0.05
C LEU A 182 2.55 16.45 -1.41
N ASP A 183 1.76 17.42 -1.85
CA ASP A 183 1.94 18.01 -3.18
C ASP A 183 3.34 18.61 -3.34
N LYS A 184 3.80 19.29 -2.30
CA LYS A 184 5.13 19.92 -2.32
C LYS A 184 6.22 18.87 -2.56
N ILE A 185 6.09 17.73 -1.90
CA ILE A 185 7.07 16.65 -2.07
C ILE A 185 7.01 16.07 -3.49
N THR A 186 5.81 15.97 -4.05
CA THR A 186 5.66 15.54 -5.44
C THR A 186 6.45 16.46 -6.37
N ASP A 187 6.26 17.76 -6.19
CA ASP A 187 7.03 18.76 -6.92
C ASP A 187 8.52 18.54 -6.77
N THR A 188 8.94 18.22 -5.54
CA THR A 188 10.35 18.00 -5.25
C THR A 188 10.88 16.76 -5.96
N LEU A 189 10.10 15.68 -5.97
CA LEU A 189 10.46 14.47 -6.70
C LEU A 189 10.63 14.74 -8.19
N ILE A 190 9.67 15.45 -8.78
CA ILE A 190 9.74 15.83 -10.19
C ILE A 190 10.96 16.72 -10.47
N HIS A 191 11.20 17.67 -9.57
CA HIS A 191 12.35 18.56 -9.65
C HIS A 191 13.66 17.78 -9.73
N LEU A 192 13.79 16.76 -8.89
CA LEU A 192 14.98 15.91 -8.86
C LEU A 192 15.16 15.15 -10.16
N MET A 193 14.05 14.66 -10.72
CA MET A 193 14.10 13.91 -11.96
C MET A 193 14.38 14.81 -13.15
N ALA A 194 13.86 16.03 -13.11
CA ALA A 194 14.14 17.01 -14.14
C ALA A 194 15.61 17.40 -14.11
N LYS A 195 16.15 17.57 -12.90
CA LYS A 195 17.56 17.91 -12.73
C LYS A 195 18.47 16.78 -13.21
N ALA A 196 17.97 15.55 -13.11
CA ALA A 196 18.74 14.37 -13.53
C ALA A 196 18.66 14.14 -15.04
N GLY A 197 17.99 15.04 -15.75
CA GLY A 197 17.94 15.00 -17.20
C GLY A 197 16.85 14.14 -17.82
N LEU A 198 15.92 13.67 -17.00
CA LEU A 198 14.84 12.81 -17.50
C LEU A 198 13.85 13.60 -18.35
N THR A 199 13.33 12.96 -19.41
CA THR A 199 12.29 13.57 -20.22
C THR A 199 10.98 13.65 -19.44
N LEU A 200 10.05 14.46 -19.94
CA LEU A 200 8.73 14.61 -19.33
C LEU A 200 8.01 13.28 -19.14
N GLN A 201 8.11 12.40 -20.14
CA GLN A 201 7.47 11.10 -20.05
C GLN A 201 8.18 10.22 -19.03
N GLN A 202 9.52 10.28 -19.03
CA GLN A 202 10.31 9.52 -18.08
C GLN A 202 10.04 9.98 -16.64
N GLN A 203 9.72 11.26 -16.49
CA GLN A 203 9.45 11.84 -15.18
C GLN A 203 8.17 11.27 -14.55
N HIS A 204 7.04 11.34 -15.26
CA HIS A 204 5.80 10.88 -14.65
C HIS A 204 5.73 9.35 -14.59
N GLN A 205 6.48 8.67 -15.46
CA GLN A 205 6.58 7.21 -15.39
C GLN A 205 7.36 6.77 -14.15
N ARG A 206 8.49 7.43 -13.88
CA ARG A 206 9.32 7.12 -12.72
C ARG A 206 8.60 7.48 -11.43
N LEU A 207 7.94 8.63 -11.43
CA LEU A 207 7.14 9.06 -10.28
C LEU A 207 6.13 7.99 -9.91
N ALA A 208 5.44 7.47 -10.92
CA ALA A 208 4.43 6.43 -10.72
C ALA A 208 5.05 5.15 -10.20
N GLN A 209 6.19 4.76 -10.78
CA GLN A 209 6.90 3.55 -10.37
C GLN A 209 7.31 3.59 -8.90
N LEU A 210 7.77 4.75 -8.45
CA LEU A 210 8.20 4.93 -7.07
C LEU A 210 7.02 4.80 -6.11
N LEU A 211 5.91 5.45 -6.45
CA LEU A 211 4.77 5.52 -5.56
C LEU A 211 4.02 4.18 -5.48
N LEU A 212 4.16 3.34 -6.49
CA LEU A 212 3.53 2.03 -6.49
C LEU A 212 4.25 1.06 -5.56
N ILE A 213 5.53 1.31 -5.32
CA ILE A 213 6.31 0.51 -4.38
C ILE A 213 5.84 0.77 -2.95
N LEU A 214 5.33 1.99 -2.71
CA LEU A 214 4.76 2.35 -1.41
C LEU A 214 3.61 1.44 -1.03
N SER A 215 2.85 0.99 -2.03
CA SER A 215 1.77 0.05 -1.80
C SER A 215 2.32 -1.28 -1.31
N HIS A 216 3.49 -1.66 -1.81
CA HIS A 216 4.15 -2.90 -1.38
C HIS A 216 4.78 -2.76 -0.01
N ILE A 217 5.35 -1.58 0.25
CA ILE A 217 5.90 -1.27 1.56
C ILE A 217 4.81 -1.34 2.63
N ARG A 218 3.63 -0.79 2.31
CA ARG A 218 2.48 -0.87 3.20
C ARG A 218 2.12 -2.33 3.47
N HIS A 219 2.16 -3.15 2.42
CA HIS A 219 1.84 -4.56 2.51
C HIS A 219 2.79 -5.28 3.48
N MET A 220 4.09 -5.05 3.31
CA MET A 220 5.10 -5.68 4.14
C MET A 220 4.98 -5.28 5.60
N SER A 221 4.66 -4.00 5.83
CA SER A 221 4.44 -3.49 7.17
C SER A 221 3.25 -4.19 7.83
N ASN A 222 2.15 -4.29 7.09
CA ASN A 222 0.95 -4.98 7.59
C ASN A 222 1.22 -6.45 7.92
N LYS A 223 1.96 -7.12 7.05
CA LYS A 223 2.31 -8.52 7.28
C LYS A 223 3.22 -8.63 8.49
N GLY A 224 4.19 -7.71 8.57
CA GLY A 224 5.11 -7.67 9.70
C GLY A 224 4.38 -7.43 11.00
N MET A 225 3.47 -6.46 11.00
CA MET A 225 2.71 -6.13 12.20
C MET A 225 1.96 -7.34 12.74
N GLU A 226 1.41 -8.16 11.85
CA GLU A 226 0.74 -9.40 12.25
C GLU A 226 1.72 -10.34 12.95
N HIS A 227 2.90 -10.48 12.36
CA HIS A 227 3.92 -11.38 12.88
C HIS A 227 4.44 -10.90 14.24
N LEU A 228 4.57 -9.59 14.40
CA LEU A 228 5.06 -9.02 15.66
C LEU A 228 4.05 -9.22 16.78
N TYR A 229 2.76 -9.17 16.45
CA TYR A 229 1.71 -9.40 17.43
C TYR A 229 1.75 -10.83 17.93
N SER A 230 2.14 -11.75 17.05
CA SER A 230 2.22 -13.17 17.40
C SER A 230 3.30 -13.43 18.46
N MET A 231 4.51 -12.95 18.21
CA MET A 231 5.60 -13.19 19.13
C MET A 231 5.44 -12.36 20.40
N LYS A 232 4.65 -11.29 20.31
CA LYS A 232 4.30 -10.50 21.48
C LYS A 232 3.37 -11.31 22.37
N CYS A 233 2.45 -12.04 21.74
CA CYS A 233 1.50 -12.88 22.45
C CYS A 233 2.15 -14.18 22.91
N LYS A 234 3.16 -14.60 22.13
CA LYS A 234 4.08 -15.67 22.44
C LYS A 234 4.96 -15.36 23.62
N ASN A 235 5.32 -14.11 23.76
CA ASN A 235 6.31 -13.68 24.72
C ASN A 235 7.67 -14.25 24.42
N VAL A 236 7.96 -14.37 23.14
CA VAL A 236 9.22 -14.93 22.71
C VAL A 236 10.37 -14.06 23.18
N VAL A 237 10.27 -12.77 22.98
CA VAL A 237 11.45 -11.92 22.95
C VAL A 237 11.04 -10.71 23.73
N PRO A 238 11.96 -10.07 24.44
CA PRO A 238 11.53 -8.96 25.29
C PRO A 238 11.26 -7.70 24.49
N LEU A 239 10.03 -7.21 24.55
CA LEU A 239 9.65 -5.99 23.86
C LEU A 239 9.61 -4.81 24.83
N SER A 240 10.27 -3.72 24.46
CA SER A 240 10.25 -2.51 25.25
C SER A 240 8.84 -1.93 25.30
N ASP A 241 8.58 -1.10 26.30
CA ASP A 241 7.29 -0.46 26.45
C ASP A 241 6.96 0.43 25.25
N LEU A 242 7.98 1.07 24.68
CA LEU A 242 7.79 1.92 23.50
C LEU A 242 7.35 1.09 22.31
N LEU A 243 8.04 -0.03 22.07
CA LEU A 243 7.67 -0.92 20.98
C LEU A 243 6.28 -1.50 21.20
N LEU A 244 5.96 -1.82 22.44
CA LEU A 244 4.66 -2.37 22.78
C LEU A 244 3.54 -1.38 22.48
N GLU A 245 3.78 -0.11 22.81
CA GLU A 245 2.77 0.93 22.57
C GLU A 245 2.60 1.21 21.08
N MET A 246 3.69 1.19 20.31
CA MET A 246 3.60 1.37 18.86
C MET A 246 2.81 0.21 18.23
N LEU A 247 3.03 -0.98 18.76
CA LEU A 247 2.37 -2.19 18.26
C LEU A 247 0.88 -2.20 18.58
N ASP A 248 0.53 -1.81 19.80
CA ASP A 248 -0.85 -1.79 20.25
C ASP A 248 -1.73 -0.83 19.44
N ALA A 249 -1.11 0.20 18.88
CA ALA A 249 -1.84 1.19 18.09
C ALA A 249 -2.42 0.60 16.82
N HIS A 250 -1.91 -0.56 16.42
CA HIS A 250 -2.39 -1.24 15.21
C HIS A 250 -3.40 -2.34 15.53
N ARG A 251 -3.96 -2.30 16.73
CA ARG A 251 -4.99 -3.27 17.13
C ARG A 251 -5.89 -2.68 18.20
N SER B 8 2.78 -7.58 -27.94
CA SER B 8 1.38 -7.88 -27.69
C SER B 8 0.47 -6.77 -28.20
N LEU B 9 -0.84 -6.94 -28.03
CA LEU B 9 -1.81 -5.95 -28.45
C LEU B 9 -1.84 -4.77 -27.47
N ALA B 10 -1.51 -5.06 -26.22
CA ALA B 10 -1.58 -4.06 -25.15
C ALA B 10 -0.62 -2.88 -25.37
N LEU B 11 0.64 -3.19 -25.67
CA LEU B 11 1.67 -2.16 -25.78
C LEU B 11 1.45 -1.22 -26.96
N SER B 12 0.68 -1.66 -27.94
CA SER B 12 0.49 -0.90 -29.17
C SER B 12 -0.74 0.00 -29.13
N LEU B 13 -1.55 -0.14 -28.07
CA LEU B 13 -2.77 0.65 -27.93
C LEU B 13 -2.49 2.12 -27.61
N THR B 14 -3.29 3.01 -28.18
CA THR B 14 -3.21 4.43 -27.84
C THR B 14 -3.92 4.66 -26.51
N ALA B 15 -3.74 5.85 -25.96
CA ALA B 15 -4.30 6.19 -24.65
C ALA B 15 -5.82 6.14 -24.65
N ASP B 16 -6.44 6.71 -25.69
CA ASP B 16 -7.90 6.71 -25.78
C ASP B 16 -8.43 5.30 -26.01
N GLN B 17 -7.66 4.48 -26.71
CA GLN B 17 -8.02 3.08 -26.92
C GLN B 17 -7.96 2.30 -25.61
N MET B 18 -6.95 2.59 -24.79
CA MET B 18 -6.81 1.96 -23.49
C MET B 18 -8.03 2.27 -22.61
N VAL B 19 -8.42 3.54 -22.58
CA VAL B 19 -9.58 3.98 -21.82
C VAL B 19 -10.85 3.30 -22.30
N SER B 20 -11.06 3.30 -23.61
CA SER B 20 -12.23 2.69 -24.22
C SER B 20 -12.28 1.18 -23.94
N ALA B 21 -11.10 0.54 -23.97
CA ALA B 21 -11.02 -0.88 -23.70
C ALA B 21 -11.37 -1.18 -22.25
N LEU B 22 -10.94 -0.32 -21.33
CA LEU B 22 -11.19 -0.53 -19.91
C LEU B 22 -12.64 -0.22 -19.54
N LEU B 23 -13.18 0.87 -20.07
CA LEU B 23 -14.57 1.24 -19.83
C LEU B 23 -15.52 0.16 -20.35
N ASP B 24 -15.17 -0.43 -21.48
CA ASP B 24 -15.99 -1.48 -22.09
C ASP B 24 -15.92 -2.78 -21.31
N ALA B 25 -14.83 -2.97 -20.58
CA ALA B 25 -14.61 -4.21 -19.85
C ALA B 25 -15.23 -4.17 -18.45
N GLU B 26 -15.80 -3.02 -18.09
CA GLU B 26 -16.37 -2.83 -16.76
C GLU B 26 -17.42 -3.88 -16.42
N PRO B 27 -17.29 -4.50 -15.24
CA PRO B 27 -18.28 -5.45 -14.76
C PRO B 27 -19.58 -4.75 -14.40
N PRO B 28 -20.69 -5.49 -14.36
CA PRO B 28 -21.97 -4.88 -14.01
C PRO B 28 -22.11 -4.67 -12.51
N ILE B 29 -23.04 -3.81 -12.10
CA ILE B 29 -23.31 -3.63 -10.68
C ILE B 29 -24.41 -4.59 -10.24
N LEU B 30 -24.06 -5.54 -9.39
CA LEU B 30 -24.99 -6.58 -8.97
C LEU B 30 -25.89 -6.11 -7.84
N TYR B 31 -27.03 -6.79 -7.67
CA TYR B 31 -27.92 -6.54 -6.55
C TYR B 31 -27.68 -7.55 -5.43
N SER B 32 -28.10 -7.19 -4.22
CA SER B 32 -28.03 -8.11 -3.09
C SER B 32 -29.41 -8.70 -2.81
N GLU B 33 -29.46 -9.65 -1.89
CA GLU B 33 -30.74 -10.28 -1.51
C GLU B 33 -31.37 -9.55 -0.33
N TYR B 34 -30.95 -8.31 -0.12
CA TYR B 34 -31.38 -7.54 1.06
C TYR B 34 -32.89 -7.26 1.05
N ASP B 35 -33.52 -7.61 2.17
CA ASP B 35 -34.94 -7.36 2.36
C ASP B 35 -35.12 -6.39 3.53
N PRO B 36 -35.56 -5.16 3.22
CA PRO B 36 -35.79 -4.09 4.20
C PRO B 36 -36.74 -4.50 5.33
N THR B 37 -37.67 -5.40 5.02
CA THR B 37 -38.67 -5.82 5.99
C THR B 37 -38.16 -6.96 6.88
N ARG B 38 -37.20 -7.71 6.37
CA ARG B 38 -36.63 -8.85 7.10
C ARG B 38 -35.67 -8.36 8.18
N PRO B 39 -35.71 -8.99 9.37
CA PRO B 39 -34.70 -8.68 10.39
C PRO B 39 -33.35 -9.29 10.02
N PHE B 40 -32.27 -8.56 10.29
CA PHE B 40 -30.94 -9.08 10.01
C PHE B 40 -30.03 -9.01 11.21
N SER B 41 -29.35 -10.12 11.49
CA SER B 41 -28.31 -10.15 12.51
C SER B 41 -26.97 -9.80 11.86
N GLU B 42 -25.90 -9.80 12.63
CA GLU B 42 -24.57 -9.55 12.08
C GLU B 42 -24.21 -10.67 11.11
N ALA B 43 -24.68 -11.88 11.43
CA ALA B 43 -24.46 -13.05 10.58
C ALA B 43 -25.24 -12.91 9.27
N SER B 44 -26.42 -12.32 9.35
CA SER B 44 -27.28 -12.15 8.19
C SER B 44 -26.72 -11.10 7.24
N MET B 45 -26.31 -9.97 7.80
CA MET B 45 -25.72 -8.89 7.01
C MET B 45 -24.43 -9.36 6.33
N MET B 46 -23.66 -10.18 7.06
CA MET B 46 -22.44 -10.75 6.51
C MET B 46 -22.74 -11.71 5.39
N GLY B 47 -23.81 -12.48 5.54
CA GLY B 47 -24.25 -13.38 4.51
C GLY B 47 -24.50 -12.63 3.22
N LEU B 48 -25.16 -11.48 3.33
CA LEU B 48 -25.42 -10.62 2.19
C LEU B 48 -24.13 -10.16 1.52
N LEU B 49 -23.18 -9.70 2.32
CA LEU B 49 -21.93 -9.19 1.80
C LEU B 49 -21.06 -10.30 1.18
N THR B 50 -21.02 -11.46 1.84
CA THR B 50 -20.23 -12.59 1.34
C THR B 50 -20.82 -13.11 0.03
N ASN B 51 -22.12 -13.33 0.03
CA ASN B 51 -22.82 -13.75 -1.18
C ASN B 51 -22.59 -12.77 -2.33
N LEU B 52 -22.70 -11.48 -2.04
CA LEU B 52 -22.54 -10.44 -3.05
C LEU B 52 -21.12 -10.45 -3.62
N ALA B 53 -20.13 -10.53 -2.73
CA ALA B 53 -18.74 -10.55 -3.14
C ALA B 53 -18.42 -11.78 -4.00
N ASP B 54 -18.96 -12.92 -3.61
CA ASP B 54 -18.76 -14.15 -4.35
C ASP B 54 -19.25 -14.07 -5.78
N ARG B 55 -20.40 -13.44 -5.99
CA ARG B 55 -20.93 -13.28 -7.34
C ARG B 55 -20.13 -12.23 -8.12
N GLU B 56 -19.58 -11.26 -7.42
CA GLU B 56 -18.75 -10.24 -8.05
C GLU B 56 -17.43 -10.81 -8.56
N LEU B 57 -16.90 -11.80 -7.83
CA LEU B 57 -15.63 -12.41 -8.18
C LEU B 57 -15.66 -13.04 -9.57
N VAL B 58 -16.79 -13.65 -9.91
CA VAL B 58 -16.95 -14.28 -11.20
C VAL B 58 -16.85 -13.24 -12.32
N HIS B 59 -17.49 -12.09 -12.12
CA HIS B 59 -17.42 -11.01 -13.09
C HIS B 59 -16.03 -10.39 -13.12
N MET B 60 -15.38 -10.32 -11.96
CA MET B 60 -14.03 -9.76 -11.87
C MET B 60 -13.04 -10.59 -12.68
N ILE B 61 -13.19 -11.91 -12.61
CA ILE B 61 -12.32 -12.83 -13.31
C ILE B 61 -12.42 -12.63 -14.82
N ASN B 62 -13.65 -12.49 -15.31
CA ASN B 62 -13.86 -12.23 -16.73
C ASN B 62 -13.47 -10.80 -17.10
N TRP B 63 -13.59 -9.89 -16.14
CA TRP B 63 -13.13 -8.52 -16.35
C TRP B 63 -11.61 -8.46 -16.51
N ALA B 64 -10.90 -9.22 -15.68
CA ALA B 64 -9.44 -9.21 -15.67
C ALA B 64 -8.88 -9.68 -17.01
N LYS B 65 -9.60 -10.57 -17.68
CA LYS B 65 -9.17 -11.13 -18.95
C LYS B 65 -9.27 -10.11 -20.08
N ARG B 66 -9.98 -9.00 -19.83
CA ARG B 66 -10.10 -7.96 -20.83
C ARG B 66 -9.26 -6.73 -20.48
N VAL B 67 -8.48 -6.85 -19.41
CA VAL B 67 -7.47 -5.84 -19.09
C VAL B 67 -6.26 -6.06 -19.99
N PRO B 68 -5.90 -5.06 -20.80
CA PRO B 68 -4.81 -5.18 -21.78
C PRO B 68 -3.51 -5.68 -21.15
N GLY B 69 -3.00 -6.79 -21.66
CA GLY B 69 -1.75 -7.34 -21.19
C GLY B 69 -1.91 -8.53 -20.25
N PHE B 70 -3.04 -8.59 -19.56
CA PHE B 70 -3.26 -9.62 -18.54
C PHE B 70 -3.27 -11.04 -19.14
N VAL B 71 -3.92 -11.21 -20.28
CA VAL B 71 -4.01 -12.52 -20.93
C VAL B 71 -2.65 -12.98 -21.46
N ASP B 72 -1.78 -12.03 -21.79
CA ASP B 72 -0.43 -12.36 -22.27
C ASP B 72 0.36 -13.11 -21.21
N LEU B 73 -0.01 -12.91 -19.95
CA LEU B 73 0.68 -13.55 -18.83
C LEU B 73 0.37 -15.05 -18.73
N THR B 74 1.29 -15.80 -18.15
CA THR B 74 1.06 -17.21 -17.90
C THR B 74 -0.14 -17.38 -16.98
N LEU B 75 -0.80 -18.52 -17.09
CA LEU B 75 -1.97 -18.82 -16.27
C LEU B 75 -1.63 -18.73 -14.78
N HIS B 76 -0.50 -19.30 -14.40
CA HIS B 76 -0.11 -19.33 -12.99
C HIS B 76 0.12 -17.92 -12.45
N ASP B 77 0.57 -17.01 -13.30
CA ASP B 77 0.78 -15.62 -12.89
C ASP B 77 -0.54 -14.85 -12.85
N GLN B 78 -1.48 -15.21 -13.73
CA GLN B 78 -2.81 -14.61 -13.70
C GLN B 78 -3.50 -14.98 -12.38
N VAL B 79 -3.35 -16.23 -11.96
CA VAL B 79 -3.93 -16.70 -10.72
C VAL B 79 -3.39 -15.91 -9.53
N HIS B 80 -2.06 -15.75 -9.50
CA HIS B 80 -1.39 -15.05 -8.42
C HIS B 80 -1.82 -13.59 -8.27
N LEU B 81 -1.91 -12.88 -9.40
CA LEU B 81 -2.28 -11.47 -9.36
C LEU B 81 -3.71 -11.29 -8.84
N LEU B 82 -4.61 -12.16 -9.28
CA LEU B 82 -6.00 -12.08 -8.84
C LEU B 82 -6.11 -12.49 -7.38
N GLU B 83 -5.37 -13.51 -6.98
CA GLU B 83 -5.35 -13.94 -5.58
C GLU B 83 -4.85 -12.82 -4.67
N CYS B 84 -3.90 -12.04 -5.15
CA CYS B 84 -3.35 -10.95 -4.35
C CYS B 84 -4.26 -9.71 -4.30
N ALA B 85 -4.93 -9.42 -5.40
CA ALA B 85 -5.59 -8.13 -5.55
C ALA B 85 -7.13 -8.15 -5.46
N TRP B 86 -7.73 -9.33 -5.37
CA TRP B 86 -9.20 -9.43 -5.50
C TRP B 86 -9.98 -8.55 -4.51
N LEU B 87 -9.55 -8.53 -3.24
CA LEU B 87 -10.26 -7.75 -2.22
C LEU B 87 -10.01 -6.25 -2.42
N GLU B 88 -8.80 -5.91 -2.89
CA GLU B 88 -8.49 -4.51 -3.21
C GLU B 88 -9.41 -4.00 -4.31
N ILE B 89 -9.66 -4.86 -5.29
CA ILE B 89 -10.47 -4.49 -6.44
C ILE B 89 -11.93 -4.36 -6.04
N LEU B 90 -12.42 -5.30 -5.23
CA LEU B 90 -13.78 -5.20 -4.69
C LEU B 90 -13.95 -3.89 -3.91
N MET B 91 -12.99 -3.59 -3.05
CA MET B 91 -13.08 -2.43 -2.18
C MET B 91 -13.04 -1.10 -2.94
N ILE B 92 -12.15 -0.97 -3.92
CA ILE B 92 -12.11 0.26 -4.71
C ILE B 92 -13.37 0.37 -5.55
N GLY B 93 -13.94 -0.78 -5.92
CA GLY B 93 -15.22 -0.80 -6.61
C GLY B 93 -16.31 -0.24 -5.70
N LEU B 94 -16.36 -0.75 -4.47
CA LEU B 94 -17.32 -0.28 -3.47
C LEU B 94 -17.19 1.22 -3.23
N VAL B 95 -15.96 1.67 -3.03
CA VAL B 95 -15.66 3.08 -2.80
C VAL B 95 -16.09 3.96 -3.98
N TRP B 96 -15.90 3.46 -5.20
CA TRP B 96 -16.29 4.21 -6.39
C TRP B 96 -17.80 4.35 -6.51
N ARG B 97 -18.53 3.26 -6.24
CA ARG B 97 -19.99 3.29 -6.29
C ARG B 97 -20.57 4.15 -5.17
N SER B 98 -19.80 4.32 -4.09
CA SER B 98 -20.28 5.05 -2.91
C SER B 98 -19.91 6.53 -2.95
N MET B 99 -19.32 6.96 -4.06
CA MET B 99 -18.81 8.32 -4.19
C MET B 99 -19.89 9.39 -3.99
N GLU B 100 -21.05 9.16 -4.60
CA GLU B 100 -22.13 10.14 -4.58
C GLU B 100 -23.08 9.95 -3.40
N HIS B 101 -22.67 9.12 -2.45
CA HIS B 101 -23.49 8.85 -1.26
C HIS B 101 -22.68 9.06 0.01
N PRO B 102 -22.49 10.32 0.42
CA PRO B 102 -21.68 10.69 1.60
C PRO B 102 -22.17 10.02 2.88
N GLY B 103 -21.25 9.38 3.59
CA GLY B 103 -21.57 8.74 4.85
C GLY B 103 -22.14 7.34 4.69
N LYS B 104 -22.26 6.89 3.45
CA LYS B 104 -22.84 5.58 3.17
C LYS B 104 -21.99 4.76 2.22
N LEU B 105 -22.13 3.44 2.28
CA LEU B 105 -21.44 2.54 1.37
C LEU B 105 -22.45 1.78 0.53
N LEU B 106 -22.39 1.97 -0.78
CA LEU B 106 -23.33 1.33 -1.71
C LEU B 106 -22.81 -0.03 -2.15
N PHE B 107 -23.02 -1.05 -1.33
CA PHE B 107 -22.68 -2.41 -1.70
C PHE B 107 -23.49 -2.86 -2.91
N ALA B 108 -24.73 -2.37 -2.96
CA ALA B 108 -25.64 -2.66 -4.06
C ALA B 108 -26.65 -1.52 -4.14
N PRO B 109 -27.29 -1.34 -5.31
CA PRO B 109 -28.35 -0.34 -5.43
C PRO B 109 -29.44 -0.48 -4.36
N ASN B 110 -29.68 -1.70 -3.90
CA ASN B 110 -30.69 -1.94 -2.87
C ASN B 110 -30.06 -2.18 -1.49
N LEU B 111 -28.76 -1.93 -1.39
CA LEU B 111 -28.03 -2.17 -0.14
C LEU B 111 -27.10 -1.01 0.20
N LEU B 112 -27.63 -0.04 0.94
CA LEU B 112 -26.90 1.16 1.31
C LEU B 112 -26.74 1.27 2.82
N LEU B 113 -25.52 1.09 3.31
CA LEU B 113 -25.28 1.04 4.75
C LEU B 113 -24.47 2.23 5.26
N ASP B 114 -24.75 2.65 6.49
CA ASP B 114 -23.99 3.71 7.14
C ASP B 114 -23.02 3.12 8.17
N ARG B 115 -22.31 4.01 8.86
CA ARG B 115 -21.31 3.57 9.84
C ARG B 115 -21.95 2.91 11.05
N ASN B 116 -23.21 3.25 11.31
CA ASN B 116 -23.93 2.73 12.48
C ASN B 116 -24.34 1.27 12.33
N GLN B 117 -23.84 0.62 11.27
CA GLN B 117 -24.12 -0.79 11.01
C GLN B 117 -23.19 -1.34 9.94
N VAL B 121 -21.35 -3.22 14.36
CA VAL B 121 -21.26 -4.65 14.19
C VAL B 121 -19.79 -5.03 14.09
N GLU B 122 -19.46 -6.22 13.65
CA GLU B 122 -18.65 -7.07 14.50
C GLU B 122 -17.21 -6.62 14.42
N GLY B 123 -16.93 -5.43 14.93
CA GLY B 123 -15.61 -4.84 14.76
C GLY B 123 -15.19 -4.68 13.30
N MET B 124 -16.16 -4.33 12.47
CA MET B 124 -15.87 -3.91 11.14
C MET B 124 -16.04 -2.43 10.93
N VAL B 125 -16.41 -1.70 11.97
CA VAL B 125 -16.62 -0.27 11.86
C VAL B 125 -15.37 0.48 11.45
N GLU B 126 -14.23 0.03 11.90
CA GLU B 126 -12.93 0.58 11.57
C GLU B 126 -12.69 0.53 10.06
N ILE B 127 -13.00 -0.61 9.46
CA ILE B 127 -12.81 -0.79 8.02
C ILE B 127 -13.81 0.07 7.25
N PHE B 128 -15.05 0.12 7.74
CA PHE B 128 -16.08 0.97 7.16
C PHE B 128 -15.63 2.43 7.07
N ASP B 129 -15.14 2.97 8.18
CA ASP B 129 -14.71 4.35 8.24
C ASP B 129 -13.55 4.63 7.29
N MET B 130 -12.69 3.64 7.09
CA MET B 130 -11.60 3.79 6.12
C MET B 130 -12.14 3.80 4.69
N LEU B 131 -13.14 2.95 4.43
CA LEU B 131 -13.78 2.93 3.13
C LEU B 131 -14.54 4.23 2.89
N LEU B 132 -15.15 4.76 3.95
CA LEU B 132 -15.86 6.03 3.86
C LEU B 132 -14.90 7.19 3.61
N ALA B 133 -13.74 7.16 4.24
CA ALA B 133 -12.74 8.21 4.07
C ALA B 133 -12.21 8.22 2.65
N THR B 134 -11.95 7.04 2.11
CA THR B 134 -11.48 6.89 0.74
C THR B 134 -12.52 7.42 -0.24
N SER B 135 -13.79 7.14 0.06
CA SER B 135 -14.89 7.58 -0.78
C SER B 135 -14.98 9.09 -0.76
N SER B 136 -14.85 9.67 0.43
CA SER B 136 -14.83 11.12 0.60
C SER B 136 -13.63 11.73 -0.14
N ARG B 137 -12.52 11.01 -0.13
CA ARG B 137 -11.32 11.46 -0.85
C ARG B 137 -11.58 11.53 -2.35
N PHE B 138 -12.17 10.47 -2.90
CA PHE B 138 -12.52 10.45 -4.32
C PHE B 138 -13.45 11.62 -4.67
N ARG B 139 -14.35 11.92 -3.75
CA ARG B 139 -15.34 12.98 -3.95
C ARG B 139 -14.69 14.35 -4.04
N MET B 140 -13.81 14.66 -3.09
CA MET B 140 -13.15 15.97 -3.08
C MET B 140 -12.18 16.12 -4.24
N MET B 141 -11.65 15.00 -4.72
CA MET B 141 -10.79 15.01 -5.91
C MET B 141 -11.61 15.04 -7.19
N ASN B 142 -12.91 14.74 -7.06
CA ASN B 142 -13.77 14.57 -8.23
C ASN B 142 -13.20 13.53 -9.19
N LEU B 143 -12.94 12.34 -8.66
CA LEU B 143 -12.39 11.23 -9.45
C LEU B 143 -13.28 10.92 -10.64
N GLN B 144 -12.66 10.76 -11.82
CA GLN B 144 -13.38 10.46 -13.05
C GLN B 144 -13.41 8.95 -13.31
N GLY B 145 -14.45 8.49 -13.99
CA GLY B 145 -14.59 7.08 -14.34
C GLY B 145 -13.40 6.55 -15.12
N GLU B 146 -12.87 7.39 -16.03
CA GLU B 146 -11.72 7.01 -16.83
C GLU B 146 -10.47 6.84 -15.97
N GLU B 147 -10.41 7.58 -14.87
CA GLU B 147 -9.29 7.47 -13.94
C GLU B 147 -9.47 6.26 -13.03
N PHE B 148 -10.72 5.99 -12.66
CA PHE B 148 -11.04 4.85 -11.80
C PHE B 148 -10.67 3.52 -12.46
N VAL B 149 -11.06 3.34 -13.72
CA VAL B 149 -10.76 2.09 -14.41
C VAL B 149 -9.25 1.90 -14.60
N CYS B 150 -8.51 3.01 -14.73
CA CYS B 150 -7.06 2.93 -14.78
C CYS B 150 -6.47 2.48 -13.44
N LEU B 151 -6.95 3.09 -12.36
CA LEU B 151 -6.50 2.73 -11.01
C LEU B 151 -6.76 1.26 -10.69
N LYS B 152 -7.92 0.78 -11.11
CA LYS B 152 -8.33 -0.59 -10.85
C LYS B 152 -7.46 -1.59 -11.61
N SER B 153 -7.06 -1.23 -12.82
CA SER B 153 -6.18 -2.08 -13.62
C SER B 153 -4.75 -2.07 -13.08
N ILE B 154 -4.34 -0.93 -12.53
CA ILE B 154 -3.02 -0.82 -11.91
C ILE B 154 -2.91 -1.76 -10.71
N ILE B 155 -3.94 -1.78 -9.87
CA ILE B 155 -3.97 -2.65 -8.71
C ILE B 155 -3.81 -4.12 -9.11
N LEU B 156 -4.61 -4.54 -10.09
CA LEU B 156 -4.56 -5.91 -10.62
C LEU B 156 -3.14 -6.34 -11.01
N LEU B 157 -2.43 -5.45 -11.68
CA LEU B 157 -1.10 -5.78 -12.22
C LEU B 157 0.02 -5.55 -11.21
N ASN B 158 -0.19 -4.61 -10.29
CA ASN B 158 0.89 -4.22 -9.39
C ASN B 158 0.92 -4.96 -8.04
N SER B 159 -0.24 -5.23 -7.47
CA SER B 159 -0.32 -5.69 -6.09
C SER B 159 0.45 -6.98 -5.79
N GLY B 160 0.57 -7.86 -6.78
CA GLY B 160 1.24 -9.13 -6.58
C GLY B 160 2.52 -9.30 -7.39
N VAL B 161 3.01 -8.22 -7.98
CA VAL B 161 4.14 -8.30 -8.90
C VAL B 161 5.48 -8.54 -8.18
N TYR B 162 5.53 -8.31 -6.88
CA TYR B 162 6.77 -8.48 -6.13
C TYR B 162 6.73 -9.67 -5.18
N THR B 163 5.71 -10.51 -5.33
CA THR B 163 5.65 -11.77 -4.61
C THR B 163 5.69 -12.93 -5.59
N PHE B 164 6.31 -12.68 -6.74
CA PHE B 164 6.53 -13.72 -7.76
C PHE B 164 7.72 -14.61 -7.37
N LEU B 169 12.54 -18.86 -12.53
CA LEU B 169 13.85 -18.26 -12.78
C LEU B 169 13.98 -17.74 -14.19
N LYS B 170 13.11 -18.21 -15.08
CA LYS B 170 12.85 -17.55 -16.34
C LYS B 170 11.66 -16.62 -16.21
N SER B 171 11.15 -16.49 -15.00
CA SER B 171 9.92 -15.77 -14.79
C SER B 171 10.14 -14.27 -14.74
N LEU B 172 11.39 -13.82 -14.79
CA LEU B 172 11.65 -12.39 -14.73
C LEU B 172 11.13 -11.64 -15.93
N GLU B 173 11.15 -12.27 -17.08
CA GLU B 173 10.61 -11.67 -18.30
C GLU B 173 9.14 -11.32 -18.14
N GLU B 174 8.44 -12.14 -17.37
CA GLU B 174 7.03 -11.90 -17.08
C GLU B 174 6.86 -10.60 -16.29
N LYS B 175 7.76 -10.39 -15.34
CA LYS B 175 7.72 -9.20 -14.50
C LYS B 175 7.97 -7.93 -15.31
N ASP B 176 8.86 -8.03 -16.30
CA ASP B 176 9.19 -6.87 -17.14
C ASP B 176 8.00 -6.44 -17.99
N HIS B 177 7.26 -7.43 -18.50
CA HIS B 177 6.10 -7.15 -19.32
C HIS B 177 5.01 -6.43 -18.53
N ILE B 178 4.81 -6.83 -17.29
CA ILE B 178 3.82 -6.20 -16.42
C ILE B 178 4.18 -4.74 -16.17
N HIS B 179 5.47 -4.48 -15.98
CA HIS B 179 5.95 -3.12 -15.74
C HIS B 179 5.75 -2.23 -16.96
N ARG B 180 5.92 -2.80 -18.15
CA ARG B 180 5.69 -2.06 -19.39
C ARG B 180 4.24 -1.61 -19.48
N VAL B 181 3.32 -2.53 -19.23
CA VAL B 181 1.89 -2.22 -19.24
C VAL B 181 1.55 -1.17 -18.19
N LEU B 182 2.14 -1.30 -17.01
CA LEU B 182 1.94 -0.33 -15.93
C LEU B 182 2.37 1.08 -16.34
N ASP B 183 3.44 1.17 -17.13
CA ASP B 183 3.89 2.46 -17.64
C ASP B 183 2.93 3.02 -18.68
N LYS B 184 2.28 2.12 -19.42
CA LYS B 184 1.28 2.53 -20.41
C LYS B 184 0.11 3.18 -19.71
N ILE B 185 -0.36 2.55 -18.63
CA ILE B 185 -1.49 3.06 -17.87
C ILE B 185 -1.16 4.42 -17.24
N THR B 186 0.09 4.58 -16.82
CA THR B 186 0.55 5.87 -16.30
C THR B 186 0.46 6.93 -17.39
N ASP B 187 0.95 6.59 -18.58
CA ASP B 187 0.84 7.47 -19.74
C ASP B 187 -0.63 7.82 -20.00
N THR B 188 -1.49 6.83 -19.84
CA THR B 188 -2.92 7.02 -20.09
C THR B 188 -3.52 7.98 -19.06
N LEU B 189 -3.18 7.79 -17.79
CA LEU B 189 -3.62 8.70 -16.73
C LEU B 189 -3.22 10.14 -17.02
N ILE B 190 -1.96 10.34 -17.38
CA ILE B 190 -1.45 11.67 -17.70
C ILE B 190 -2.21 12.26 -18.89
N HIS B 191 -2.42 11.43 -19.91
CA HIS B 191 -3.18 11.80 -21.09
C HIS B 191 -4.58 12.34 -20.73
N LEU B 192 -5.22 11.69 -19.76
CA LEU B 192 -6.54 12.10 -19.30
C LEU B 192 -6.51 13.45 -18.61
N MET B 193 -5.52 13.64 -17.74
CA MET B 193 -5.41 14.86 -16.97
C MET B 193 -5.02 16.04 -17.84
N ALA B 194 -4.18 15.78 -18.85
CA ALA B 194 -3.81 16.81 -19.81
C ALA B 194 -5.02 17.26 -20.62
N LYS B 195 -5.88 16.30 -20.99
CA LYS B 195 -7.08 16.62 -21.75
C LYS B 195 -8.08 17.39 -20.90
N ALA B 196 -8.00 17.22 -19.59
CA ALA B 196 -8.87 17.92 -18.66
C ALA B 196 -8.40 19.36 -18.43
N GLY B 197 -7.25 19.70 -19.00
CA GLY B 197 -6.75 21.06 -18.94
C GLY B 197 -5.86 21.35 -17.75
N LEU B 198 -5.39 20.31 -17.08
CA LEU B 198 -4.48 20.49 -15.95
C LEU B 198 -3.10 20.90 -16.44
N THR B 199 -2.45 21.76 -15.68
CA THR B 199 -1.07 22.13 -15.99
C THR B 199 -0.17 20.93 -15.73
N LEU B 200 1.09 21.03 -16.16
CA LEU B 200 2.05 19.96 -15.93
C LEU B 200 2.20 19.65 -14.45
N GLN B 201 2.34 20.70 -13.65
CA GLN B 201 2.47 20.55 -12.20
C GLN B 201 1.23 19.90 -11.60
N GLN B 202 0.06 20.27 -12.10
CA GLN B 202 -1.20 19.71 -11.63
C GLN B 202 -1.36 18.25 -11.99
N GLN B 203 -0.87 17.87 -13.17
CA GLN B 203 -0.95 16.49 -13.63
C GLN B 203 -0.14 15.56 -12.73
N HIS B 204 1.09 15.96 -12.46
CA HIS B 204 1.98 15.18 -11.62
C HIS B 204 1.44 15.07 -10.21
N GLN B 205 0.91 16.17 -9.68
CA GLN B 205 0.33 16.18 -8.35
C GLN B 205 -0.85 15.23 -8.25
N ARG B 206 -1.79 15.37 -9.18
CA ARG B 206 -2.97 14.52 -9.19
C ARG B 206 -2.60 13.06 -9.36
N LEU B 207 -1.65 12.78 -10.24
CA LEU B 207 -1.15 11.43 -10.44
C LEU B 207 -0.64 10.85 -9.12
N ALA B 208 0.12 11.66 -8.39
CA ALA B 208 0.66 11.23 -7.11
C ALA B 208 -0.45 10.98 -6.09
N GLN B 209 -1.43 11.88 -6.05
CA GLN B 209 -2.56 11.77 -5.13
C GLN B 209 -3.35 10.48 -5.36
N LEU B 210 -3.62 10.18 -6.63
CA LEU B 210 -4.35 8.97 -6.99
C LEU B 210 -3.59 7.71 -6.58
N LEU B 211 -2.28 7.70 -6.80
CA LEU B 211 -1.48 6.52 -6.53
C LEU B 211 -1.22 6.30 -5.04
N LEU B 212 -1.16 7.37 -4.26
CA LEU B 212 -1.01 7.22 -2.80
C LEU B 212 -2.26 6.56 -2.20
N ILE B 213 -3.41 6.80 -2.83
CA ILE B 213 -4.67 6.18 -2.40
C ILE B 213 -4.59 4.66 -2.48
N LEU B 214 -3.81 4.15 -3.42
CA LEU B 214 -3.63 2.71 -3.58
C LEU B 214 -2.95 2.09 -2.36
N SER B 215 -2.11 2.88 -1.69
CA SER B 215 -1.48 2.43 -0.45
C SER B 215 -2.52 2.20 0.64
N HIS B 216 -3.49 3.10 0.71
CA HIS B 216 -4.58 2.98 1.67
C HIS B 216 -5.51 1.83 1.28
N ILE B 217 -5.69 1.63 -0.02
CA ILE B 217 -6.53 0.53 -0.49
C ILE B 217 -5.88 -0.81 -0.15
N ARG B 218 -4.56 -0.90 -0.30
CA ARG B 218 -3.83 -2.08 0.13
C ARG B 218 -4.00 -2.33 1.63
N HIS B 219 -3.92 -1.26 2.41
CA HIS B 219 -4.08 -1.35 3.87
C HIS B 219 -5.45 -1.90 4.25
N MET B 220 -6.49 -1.37 3.63
CA MET B 220 -7.85 -1.79 3.91
C MET B 220 -8.06 -3.26 3.57
N SER B 221 -7.46 -3.70 2.46
CA SER B 221 -7.56 -5.09 2.04
C SER B 221 -6.90 -6.01 3.06
N ASN B 222 -5.68 -5.67 3.48
CA ASN B 222 -4.98 -6.47 4.48
C ASN B 222 -5.76 -6.58 5.77
N LYS B 223 -6.27 -5.44 6.25
CA LYS B 223 -7.11 -5.44 7.44
C LYS B 223 -8.37 -6.27 7.21
N GLY B 224 -8.91 -6.20 6.00
CA GLY B 224 -10.09 -6.98 5.65
C GLY B 224 -9.81 -8.47 5.68
N MET B 225 -8.67 -8.86 5.11
CA MET B 225 -8.26 -10.25 5.06
C MET B 225 -8.09 -10.85 6.47
N GLU B 226 -7.63 -10.03 7.41
CA GLU B 226 -7.52 -10.45 8.80
C GLU B 226 -8.90 -10.74 9.40
N HIS B 227 -9.84 -9.85 9.13
CA HIS B 227 -11.20 -10.01 9.65
C HIS B 227 -11.92 -11.19 9.01
N LEU B 228 -11.56 -11.48 7.76
CA LEU B 228 -12.14 -12.61 7.04
C LEU B 228 -11.68 -13.94 7.63
N TYR B 229 -10.42 -13.99 8.05
CA TYR B 229 -9.84 -15.20 8.62
C TYR B 229 -10.53 -15.60 9.92
N SER B 230 -10.89 -14.60 10.72
CA SER B 230 -11.56 -14.86 12.00
C SER B 230 -13.02 -15.27 11.80
N MET B 231 -13.68 -14.65 10.82
CA MET B 231 -15.05 -15.00 10.49
C MET B 231 -15.17 -16.43 9.99
N LYS B 232 -14.15 -16.86 9.23
CA LYS B 232 -14.09 -18.23 8.75
C LYS B 232 -14.03 -19.22 9.90
N CYS B 233 -13.16 -18.92 10.87
CA CYS B 233 -12.94 -19.80 12.01
C CYS B 233 -14.10 -19.73 13.01
N LYS B 234 -15.03 -18.80 12.77
CA LYS B 234 -16.20 -18.66 13.62
C LYS B 234 -17.39 -19.42 13.04
N ASN B 235 -17.39 -19.56 11.71
CA ASN B 235 -18.41 -20.33 11.00
C ASN B 235 -19.84 -19.92 11.32
N PRO B 238 -20.06 -18.35 6.91
CA PRO B 238 -20.78 -18.60 5.65
C PRO B 238 -19.98 -18.12 4.46
N LEU B 239 -19.06 -18.94 3.98
CA LEU B 239 -18.18 -18.55 2.89
C LEU B 239 -18.24 -19.54 1.73
N SER B 240 -18.18 -19.02 0.52
CA SER B 240 -18.21 -19.83 -0.69
C SER B 240 -16.87 -20.50 -0.92
N ASP B 241 -16.87 -21.57 -1.71
CA ASP B 241 -15.65 -22.33 -1.96
C ASP B 241 -14.57 -21.49 -2.64
N LEU B 242 -15.00 -20.58 -3.50
CA LEU B 242 -14.07 -19.68 -4.18
C LEU B 242 -13.44 -18.70 -3.21
N LEU B 243 -14.27 -18.05 -2.41
CA LEU B 243 -13.79 -17.10 -1.41
C LEU B 243 -12.82 -17.76 -0.42
N LEU B 244 -13.12 -18.99 -0.04
CA LEU B 244 -12.25 -19.75 0.86
C LEU B 244 -10.88 -19.95 0.24
N GLU B 245 -10.86 -20.31 -1.04
CA GLU B 245 -9.60 -20.53 -1.75
C GLU B 245 -8.82 -19.23 -1.95
N MET B 246 -9.54 -18.13 -2.21
CA MET B 246 -8.90 -16.83 -2.36
C MET B 246 -8.31 -16.38 -1.03
N LEU B 247 -9.02 -16.67 0.06
CA LEU B 247 -8.56 -16.30 1.40
C LEU B 247 -7.32 -17.07 1.81
N ASP B 248 -7.28 -18.35 1.47
CA ASP B 248 -6.15 -19.21 1.82
C ASP B 248 -4.85 -18.77 1.13
N ALA B 249 -4.98 -18.09 0.00
CA ALA B 249 -3.83 -17.62 -0.76
C ALA B 249 -2.96 -16.66 0.06
N HIS B 250 -3.61 -15.84 0.89
CA HIS B 250 -2.89 -14.87 1.71
C HIS B 250 -2.28 -15.51 2.95
N ARG B 251 -2.64 -16.75 3.22
CA ARG B 251 -2.11 -17.46 4.38
C ARG B 251 -1.37 -18.73 3.97
N HIS C 2 -1.45 7.42 28.93
CA HIS C 2 -0.44 8.42 28.55
C HIS C 2 0.76 7.75 27.89
N LYS C 3 0.94 8.02 26.60
CA LYS C 3 1.95 7.32 25.80
C LYS C 3 3.35 7.88 25.95
N ILE C 4 4.34 7.01 25.74
CA ILE C 4 5.75 7.38 25.73
C ILE C 4 6.04 8.28 24.54
N LEU C 5 5.37 7.99 23.42
CA LEU C 5 5.50 8.76 22.20
C LEU C 5 5.08 10.21 22.41
N HIS C 6 4.09 10.42 23.28
CA HIS C 6 3.66 11.76 23.65
C HIS C 6 4.83 12.56 24.22
N ARG C 7 5.58 11.95 25.12
CA ARG C 7 6.73 12.59 25.75
C ARG C 7 7.88 12.79 24.78
N LEU C 8 8.18 11.76 23.99
CA LEU C 8 9.35 11.79 23.10
C LEU C 8 9.22 12.83 22.00
N LEU C 9 7.98 13.12 21.59
CA LEU C 9 7.74 14.12 20.56
C LEU C 9 7.93 15.56 21.07
N GLN C 10 8.10 15.71 22.39
CA GLN C 10 8.27 17.03 22.98
C GLN C 10 9.74 17.40 23.18
N ASP C 11 10.55 16.40 23.55
CA ASP C 11 11.97 16.62 23.79
C ASP C 11 12.80 16.52 22.52
N LYS D 3 -8.53 -26.13 -8.07
CA LYS D 3 -8.47 -24.68 -7.92
C LYS D 3 -9.52 -23.99 -8.79
N ILE D 4 -10.49 -23.37 -8.13
CA ILE D 4 -11.60 -22.73 -8.84
C ILE D 4 -11.14 -21.56 -9.69
N LEU D 5 -10.28 -20.73 -9.13
CA LEU D 5 -9.76 -19.57 -9.85
C LEU D 5 -8.97 -19.99 -11.08
N HIS D 6 -8.16 -21.04 -10.92
CA HIS D 6 -7.40 -21.61 -12.03
C HIS D 6 -8.34 -22.10 -13.13
N ARG D 7 -9.49 -22.61 -12.74
CA ARG D 7 -10.45 -23.16 -13.69
C ARG D 7 -11.22 -22.07 -14.43
N LEU D 8 -11.73 -21.09 -13.69
CA LEU D 8 -12.55 -20.03 -14.29
C LEU D 8 -11.74 -19.16 -15.25
N LEU D 9 -10.44 -19.08 -15.03
CA LEU D 9 -9.58 -18.26 -15.87
C LEU D 9 -9.35 -18.88 -17.25
N GLN D 10 -9.19 -20.20 -17.30
CA GLN D 10 -8.83 -20.87 -18.54
C GLN D 10 -10.04 -21.28 -19.38
N ASP D 11 -11.24 -20.97 -18.90
CA ASP D 11 -12.46 -21.25 -19.67
C ASP D 11 -12.51 -20.39 -20.92
N SER D 12 -13.00 -20.98 -22.01
CA SER D 12 -13.12 -20.27 -23.28
C SER D 12 -14.13 -20.97 -24.20
O01 7EF E . 14.04 -4.94 13.32
C02 7EF E . 14.00 -4.13 12.16
C03 7EF E . 14.99 -3.18 11.94
C04 7EF E . 14.94 -2.39 10.80
O05 7EF E . 15.94 -1.44 10.58
C06 7EF E . 13.93 -2.56 9.88
C07 7EF E . 12.94 -3.50 10.09
C08 7EF E . 12.97 -4.30 11.23
C09 7EF E . 11.90 -5.33 11.46
C10 7EF E . 11.62 -6.44 10.65
C11 7EF E . 10.57 -7.11 11.22
C12 7EF E . 10.07 -8.29 10.62
C13 7EF E . 8.90 -9.01 11.26
F14 7EF E . 9.29 -9.48 12.44
F15 7EF E . 8.51 -10.03 10.47
F16 7EF E . 7.90 -8.14 11.41
C17 7EF E . 10.65 -8.77 9.44
C18 7EF E . 11.73 -8.09 8.87
C19 7EF E . 12.22 -6.94 9.46
N20 7EF E . 10.19 -6.41 12.36
N21 7EF E . 11.02 -5.33 12.48
C22 7EF E . 10.98 -4.36 13.51
C23 7EF E . 10.11 -4.73 14.68
C24 7EF E . 10.61 -5.47 15.70
C25 7EF E . 12.04 -5.96 15.63
C26 7EF E . 9.75 -5.84 16.88
O01 7EF F . -18.62 -8.01 0.47
C02 7EF F . -18.02 -6.98 -0.28
C03 7EF F . -18.58 -6.55 -1.47
C04 7EF F . -17.98 -5.54 -2.20
O05 7EF F . -18.55 -5.11 -3.41
C06 7EF F . -16.81 -4.94 -1.73
C07 7EF F . -16.25 -5.37 -0.53
C08 7EF F . -16.85 -6.40 0.19
C09 7EF F . -16.23 -6.85 1.49
C10 7EF F . -16.10 -6.09 2.67
C11 7EF F . -15.48 -6.88 3.60
C12 7EF F . -15.21 -6.36 4.89
C13 7EF F . -14.52 -7.24 5.91
F14 7EF F . -14.38 -6.56 7.06
F15 7EF F . -13.32 -7.58 5.45
F16 7EF F . -15.27 -8.33 6.12
C17 7EF F . -15.59 -5.06 5.20
C18 7EF F . -16.22 -4.26 4.25
C19 7EF F . -16.48 -4.76 2.98
N20 7EF F . -15.22 -8.11 3.01
N21 7EF F . -15.69 -8.06 1.73
C22 7EF F . -15.62 -9.12 0.80
C23 7EF F . -15.41 -10.46 1.47
C24 7EF F . -16.37 -11.06 2.21
C25 7EF F . -17.71 -10.38 2.44
C26 7EF F . -16.10 -12.40 2.84
#